data_7RHP
#
_entry.id   7RHP
#
_cell.length_a   60.090
_cell.length_b   60.090
_cell.length_c   232.050
_cell.angle_alpha   90.000
_cell.angle_beta   90.000
_cell.angle_gamma   120.000
#
_symmetry.space_group_name_H-M   'P 65 2 2'
#
loop_
_entity.id
_entity.type
_entity.pdbx_description
1 polymer 'Glutathione S-transferase AmGSTD1'
2 non-polymer GLUTATHIONE
3 water water
#
_entity_poly.entity_id   1
_entity_poly.type   'polypeptide(L)'
_entity_poly.pdbx_seq_one_letter_code
;MLFSNKVIELMHSGDGGSGAEIKMPIDFYQLPGSPPCRAVALTAAALDIEMNFKQVNLMNGEHLKPEFLKINPQHTIPTI
DDNGFRLWESRAIMTYLADQYGKNDTLYPKDLKKRAIVNQRLYFDMCSLYKSFMDYYYPIIFMKAVKDQAKYENIGTALS
FLDKFLEGENYVAGKNMTLADLSIVSTVSTLEALDYDLSKYKNVTRWFAKIKPEIPKYEEYNNAGLKMFKELVNEKLSKK
NLYFQSGSHHHHHH
;
_entity_poly.pdbx_strand_id   A
#
loop_
_chem_comp.id
_chem_comp.type
_chem_comp.name
_chem_comp.formula
GSH non-polymer GLUTATHIONE 'C10 H17 N3 O6 S'
#
# COMPACT_ATOMS: atom_id res chain seq x y z
N GLY A 19 18.24 19.35 9.78
CA GLY A 19 18.84 20.67 9.85
C GLY A 19 19.67 20.88 11.09
N ALA A 20 20.99 21.00 10.91
CA ALA A 20 21.92 21.14 12.02
C ALA A 20 21.68 20.09 13.09
N GLU A 21 21.27 18.89 12.65
CA GLU A 21 20.92 17.79 13.52
C GLU A 21 21.51 16.52 12.94
N ILE A 22 21.96 15.62 13.81
CA ILE A 22 22.39 14.31 13.32
C ILE A 22 21.16 13.56 12.83
N LYS A 23 21.16 13.19 11.55
CA LYS A 23 20.03 12.47 11.00
C LYS A 23 19.95 11.06 11.58
N MET A 24 18.72 10.60 11.82
N MET A 24 18.72 10.61 11.83
CA MET A 24 18.44 9.26 12.30
CA MET A 24 18.44 9.26 12.31
C MET A 24 17.63 8.52 11.25
C MET A 24 17.63 8.52 11.25
N PRO A 25 17.57 7.18 11.33
CA PRO A 25 16.66 6.45 10.44
C PRO A 25 15.24 6.97 10.61
N ILE A 26 14.47 6.89 9.53
CA ILE A 26 13.05 7.24 9.61
C ILE A 26 12.35 6.23 10.51
N ASP A 27 11.56 6.73 11.46
CA ASP A 27 10.72 5.86 12.28
C ASP A 27 9.46 5.52 11.48
N PHE A 28 9.18 4.22 11.33
CA PHE A 28 8.07 3.74 10.50
C PHE A 28 7.12 2.98 11.43
N TYR A 29 6.00 3.62 11.76
CA TYR A 29 4.98 3.06 12.64
C TYR A 29 4.01 2.23 11.81
N GLN A 30 3.93 0.94 12.10
CA GLN A 30 3.32 0.02 11.16
C GLN A 30 2.88 -1.26 11.84
N LEU A 31 2.13 -2.07 11.08
CA LEU A 31 1.70 -3.40 11.49
C LEU A 31 1.88 -4.27 10.26
N PRO A 32 2.61 -5.40 10.36
CA PRO A 32 3.03 -6.10 9.13
C PRO A 32 1.91 -6.45 8.16
N GLY A 33 0.76 -6.88 8.66
CA GLY A 33 -0.29 -7.33 7.75
C GLY A 33 -1.03 -6.22 7.04
N SER A 34 -0.85 -4.97 7.45
CA SER A 34 -1.70 -3.89 6.99
C SER A 34 -1.40 -3.49 5.55
N PRO A 35 -2.37 -3.50 4.64
CA PRO A 35 -2.08 -3.17 3.24
C PRO A 35 -1.43 -1.81 3.08
N PRO A 36 -1.94 -0.75 3.70
CA PRO A 36 -1.28 0.55 3.49
C PRO A 36 0.13 0.60 4.06
N CYS A 37 0.38 -0.11 5.17
CA CYS A 37 1.78 -0.20 5.62
C CYS A 37 2.66 -0.95 4.63
N ARG A 38 2.19 -2.05 4.02
CA ARG A 38 3.01 -2.75 3.05
C ARG A 38 3.31 -1.86 1.84
N ALA A 39 2.35 -1.03 1.42
CA ALA A 39 2.61 -0.10 0.32
C ALA A 39 3.80 0.80 0.63
N VAL A 40 3.86 1.32 1.86
CA VAL A 40 4.97 2.17 2.25
C VAL A 40 6.26 1.37 2.37
N ALA A 41 6.19 0.17 2.95
CA ALA A 41 7.39 -0.65 3.10
C ALA A 41 7.99 -0.99 1.75
N LEU A 42 7.15 -1.36 0.78
CA LEU A 42 7.65 -1.67 -0.54
C LEU A 42 8.27 -0.45 -1.19
N THR A 43 7.72 0.73 -0.94
CA THR A 43 8.30 1.95 -1.49
C THR A 43 9.69 2.18 -0.93
N ALA A 44 9.86 2.01 0.38
CA ALA A 44 11.17 2.16 0.99
C ALA A 44 12.16 1.16 0.40
N ALA A 45 11.73 -0.09 0.21
CA ALA A 45 12.62 -1.09 -0.37
C ALA A 45 13.05 -0.70 -1.77
N ALA A 46 12.11 -0.19 -2.57
CA ALA A 46 12.42 0.20 -3.94
C ALA A 46 13.37 1.39 -3.99
N LEU A 47 13.42 2.20 -2.94
CA LEU A 47 14.31 3.34 -2.84
C LEU A 47 15.60 3.02 -2.09
N ASP A 48 15.76 1.78 -1.63
CA ASP A 48 16.95 1.38 -0.86
C ASP A 48 17.07 2.21 0.41
N ILE A 49 15.93 2.47 1.06
CA ILE A 49 15.87 3.13 2.36
C ILE A 49 15.73 2.07 3.44
N GLU A 50 16.56 2.14 4.47
CA GLU A 50 16.43 1.30 5.65
C GLU A 50 15.77 2.12 6.74
N MET A 51 14.51 1.79 7.05
CA MET A 51 13.75 2.51 8.06
C MET A 51 13.78 1.74 9.36
N ASN A 52 13.45 2.44 10.46
CA ASN A 52 13.32 1.83 11.78
C ASN A 52 11.87 1.38 11.94
N PHE A 53 11.63 0.09 11.77
CA PHE A 53 10.27 -0.44 11.84
C PHE A 53 9.82 -0.50 13.29
N LYS A 54 8.74 0.21 13.61
CA LYS A 54 8.19 0.25 14.97
C LYS A 54 6.79 -0.33 14.89
N GLN A 55 6.61 -1.51 15.49
CA GLN A 55 5.32 -2.16 15.46
C GLN A 55 4.34 -1.45 16.38
N VAL A 56 3.15 -1.14 15.86
CA VAL A 56 2.07 -0.54 16.62
C VAL A 56 0.95 -1.57 16.64
N ASN A 57 0.76 -2.24 17.77
CA ASN A 57 -0.21 -3.33 17.86
C ASN A 57 -1.60 -2.73 18.03
N LEU A 58 -2.31 -2.59 16.91
CA LEU A 58 -3.65 -2.03 16.94
C LEU A 58 -4.61 -2.90 17.75
N MET A 59 -4.33 -4.20 17.84
CA MET A 59 -5.24 -5.12 18.50
C MET A 59 -5.26 -4.97 20.01
N ASN A 60 -4.25 -4.34 20.62
CA ASN A 60 -4.30 -3.99 22.03
C ASN A 60 -4.17 -2.49 22.22
N GLY A 61 -4.53 -1.71 21.19
CA GLY A 61 -4.75 -0.30 21.37
C GLY A 61 -3.51 0.56 21.52
N GLU A 62 -2.36 0.11 21.03
CA GLU A 62 -1.14 0.90 21.21
C GLU A 62 -1.22 2.23 20.48
N HIS A 63 -2.00 2.31 19.41
CA HIS A 63 -2.16 3.56 18.67
C HIS A 63 -2.99 4.59 19.42
N LEU A 64 -3.63 4.20 20.51
CA LEU A 64 -4.46 5.11 21.27
C LEU A 64 -3.79 5.57 22.57
N LYS A 65 -2.54 5.16 22.79
CA LYS A 65 -1.78 5.59 23.94
C LYS A 65 -1.28 7.03 23.76
N PRO A 66 -1.05 7.75 24.85
CA PRO A 66 -0.62 9.15 24.71
C PRO A 66 0.62 9.30 23.83
N GLU A 67 1.56 8.36 23.91
CA GLU A 67 2.79 8.51 23.16
C GLU A 67 2.54 8.55 21.66
N PHE A 68 1.63 7.73 21.17
CA PHE A 68 1.38 7.74 19.73
C PHE A 68 0.48 8.90 19.32
N LEU A 69 -0.51 9.24 20.16
CA LEU A 69 -1.37 10.36 19.81
C LEU A 69 -0.58 11.65 19.64
N LYS A 70 0.53 11.78 20.37
CA LYS A 70 1.40 12.94 20.20
C LYS A 70 2.07 12.94 18.82
N ILE A 71 2.33 11.76 18.28
CA ILE A 71 2.90 11.65 16.93
C ILE A 71 1.84 11.88 15.88
N ASN A 72 0.66 11.30 16.07
CA ASN A 72 -0.40 11.35 15.08
C ASN A 72 -1.74 11.38 15.82
N PRO A 73 -2.37 12.56 15.92
CA PRO A 73 -3.65 12.65 16.65
C PRO A 73 -4.78 11.89 16.00
N GLN A 74 -4.63 11.52 14.72
CA GLN A 74 -5.62 10.69 14.03
C GLN A 74 -5.46 9.22 14.36
N HIS A 75 -4.41 8.86 15.09
CA HIS A 75 -4.10 7.50 15.52
C HIS A 75 -4.31 6.47 14.41
N THR A 76 -3.62 6.69 13.30
CA THR A 76 -3.61 5.75 12.19
C THR A 76 -2.19 5.30 11.87
N ILE A 77 -2.09 4.10 11.33
CA ILE A 77 -0.85 3.64 10.70
C ILE A 77 -1.15 3.38 9.23
N PRO A 78 -0.18 3.52 8.33
CA PRO A 78 1.21 3.89 8.64
C PRO A 78 1.38 5.36 8.97
N THR A 79 2.36 5.63 9.83
CA THR A 79 2.84 6.96 10.13
C THR A 79 4.36 6.90 10.04
N ILE A 80 4.99 7.92 9.46
CA ILE A 80 6.44 8.06 9.57
C ILE A 80 6.79 9.28 10.41
N ASP A 81 7.93 9.21 11.09
CA ASP A 81 8.57 10.35 11.73
C ASP A 81 9.96 10.43 11.10
N ASP A 82 10.13 11.34 10.15
CA ASP A 82 11.41 11.55 9.47
C ASP A 82 12.09 12.72 10.18
N ASN A 83 12.84 12.40 11.22
CA ASN A 83 13.66 13.38 11.92
C ASN A 83 12.86 14.61 12.31
N GLY A 84 11.69 14.36 12.89
CA GLY A 84 10.83 15.41 13.40
C GLY A 84 9.68 15.76 12.49
N PHE A 85 9.73 15.33 11.23
CA PHE A 85 8.66 15.54 10.27
C PHE A 85 7.74 14.34 10.31
N ARG A 86 6.53 14.55 10.83
CA ARG A 86 5.54 13.50 10.97
C ARG A 86 4.50 13.56 9.88
N LEU A 87 4.28 12.40 9.25
CA LEU A 87 3.42 12.30 8.10
C LEU A 87 2.65 11.00 8.15
N TRP A 88 1.36 11.08 7.82
CA TRP A 88 0.56 9.88 7.64
C TRP A 88 -0.26 10.02 6.34
N GLU A 89 -1.16 9.07 6.09
CA GLU A 89 -1.72 8.79 4.76
C GLU A 89 -0.66 8.09 3.89
N SER A 90 -0.83 6.78 3.73
CA SER A 90 0.18 5.95 3.08
C SER A 90 0.64 6.53 1.74
N ARG A 91 -0.30 6.94 0.89
CA ARG A 91 0.10 7.37 -0.45
C ARG A 91 0.79 8.73 -0.43
N ALA A 92 0.51 9.57 0.56
CA ALA A 92 1.30 10.80 0.73
C ALA A 92 2.71 10.47 1.22
N ILE A 93 2.84 9.48 2.08
CA ILE A 93 4.17 9.03 2.50
C ILE A 93 4.96 8.52 1.30
N MET A 94 4.31 7.74 0.44
CA MET A 94 4.98 7.12 -0.69
C MET A 94 5.58 8.18 -1.61
N THR A 95 4.80 9.22 -1.93
CA THR A 95 5.29 10.23 -2.87
C THR A 95 6.31 11.15 -2.22
N TYR A 96 6.18 11.37 -0.91
CA TYR A 96 7.23 12.09 -0.19
C TYR A 96 8.55 11.33 -0.24
N LEU A 97 8.54 10.05 0.12
CA LEU A 97 9.79 9.28 0.13
C LEU A 97 10.41 9.22 -1.26
N ALA A 98 9.58 9.04 -2.29
CA ALA A 98 10.10 8.90 -3.65
C ALA A 98 10.84 10.16 -4.08
N ASP A 99 10.28 11.33 -3.77
CA ASP A 99 10.95 12.56 -4.18
C ASP A 99 12.11 12.91 -3.27
N GLN A 100 11.97 12.72 -1.96
CA GLN A 100 13.02 13.11 -1.01
C GLN A 100 14.24 12.21 -1.11
N TYR A 101 14.04 10.93 -1.44
CA TYR A 101 15.10 9.94 -1.37
C TYR A 101 15.24 9.15 -2.66
N GLY A 102 14.64 9.61 -3.75
CA GLY A 102 14.70 8.85 -4.98
C GLY A 102 16.08 8.94 -5.62
N LYS A 103 16.46 7.87 -6.29
CA LYS A 103 17.72 7.81 -7.02
C LYS A 103 17.54 7.68 -8.52
N ASN A 104 16.32 7.49 -9.02
CA ASN A 104 16.02 7.45 -10.44
C ASN A 104 14.79 8.31 -10.71
N ASP A 105 14.44 8.43 -11.99
CA ASP A 105 13.30 9.23 -12.43
C ASP A 105 12.18 8.37 -12.99
N THR A 106 12.12 7.10 -12.60
CA THR A 106 11.08 6.20 -13.11
C THR A 106 10.02 5.85 -12.07
N LEU A 107 10.36 5.79 -10.78
CA LEU A 107 9.37 5.36 -9.80
C LEU A 107 8.28 6.41 -9.60
N TYR A 108 8.63 7.69 -9.72
CA TYR A 108 7.67 8.78 -9.56
C TYR A 108 8.15 9.89 -10.48
N PRO A 109 7.84 9.79 -11.79
CA PRO A 109 8.47 10.67 -12.79
C PRO A 109 8.22 12.14 -12.50
N LYS A 110 9.23 12.96 -12.80
CA LYS A 110 9.07 14.39 -12.64
C LYS A 110 8.19 14.98 -13.74
N ASP A 111 8.16 14.34 -14.91
CA ASP A 111 7.28 14.78 -15.98
C ASP A 111 5.85 14.90 -15.47
N LEU A 112 5.23 16.06 -15.67
CA LEU A 112 3.97 16.33 -14.98
C LEU A 112 2.84 15.44 -15.46
N LYS A 113 2.79 15.12 -16.75
CA LYS A 113 1.74 14.23 -17.24
C LYS A 113 1.95 12.80 -16.73
N LYS A 114 3.17 12.29 -16.80
CA LYS A 114 3.43 10.96 -16.26
C LYS A 114 3.16 10.92 -14.75
N ARG A 115 3.57 11.96 -14.03
CA ARG A 115 3.28 12.05 -12.60
C ARG A 115 1.78 12.05 -12.35
N ALA A 116 1.03 12.80 -13.16
CA ALA A 116 -0.41 12.88 -12.97
C ALA A 116 -1.07 11.52 -13.10
N ILE A 117 -0.61 10.70 -14.05
CA ILE A 117 -1.19 9.37 -14.21
C ILE A 117 -0.88 8.52 -12.99
N VAL A 118 0.36 8.60 -12.48
CA VAL A 118 0.67 7.88 -11.24
C VAL A 118 -0.26 8.33 -10.13
N ASN A 119 -0.41 9.65 -9.96
CA ASN A 119 -1.30 10.17 -8.91
C ASN A 119 -2.73 9.68 -9.11
N GLN A 120 -3.23 9.69 -10.35
CA GLN A 120 -4.57 9.20 -10.64
C GLN A 120 -4.72 7.76 -10.18
N ARG A 121 -3.72 6.93 -10.44
CA ARG A 121 -3.83 5.53 -10.07
C ARG A 121 -3.76 5.35 -8.56
N LEU A 122 -3.00 6.20 -7.85
CA LEU A 122 -2.99 6.15 -6.39
C LEU A 122 -4.36 6.51 -5.82
N TYR A 123 -5.02 7.54 -6.37
CA TYR A 123 -6.37 7.85 -5.90
C TYR A 123 -7.36 6.75 -6.27
N PHE A 124 -7.22 6.16 -7.46
CA PHE A 124 -8.07 5.02 -7.82
C PHE A 124 -7.91 3.89 -6.81
N ASP A 125 -6.67 3.58 -6.45
CA ASP A 125 -6.43 2.53 -5.46
C ASP A 125 -7.15 2.87 -4.16
N MET A 126 -7.00 4.11 -3.70
CA MET A 126 -7.53 4.42 -2.38
C MET A 126 -9.04 4.61 -2.39
N CYS A 127 -9.60 5.16 -3.46
CA CYS A 127 -11.01 5.48 -3.48
C CYS A 127 -11.87 4.37 -4.08
N SER A 128 -11.28 3.47 -4.87
CA SER A 128 -12.04 2.41 -5.53
C SER A 128 -11.59 1.02 -5.14
N LEU A 129 -10.33 0.67 -5.40
CA LEU A 129 -9.90 -0.72 -5.22
C LEU A 129 -9.75 -1.07 -3.74
N TYR A 130 -8.86 -0.37 -3.03
CA TYR A 130 -8.70 -0.66 -1.60
C TYR A 130 -9.99 -0.37 -0.85
N LYS A 131 -10.69 0.71 -1.22
CA LYS A 131 -11.96 1.03 -0.60
C LYS A 131 -12.91 -0.16 -0.67
N SER A 132 -13.11 -0.71 -1.87
N SER A 132 -13.11 -0.71 -1.87
CA SER A 132 -14.05 -1.80 -2.04
CA SER A 132 -14.07 -1.80 -2.02
C SER A 132 -13.60 -3.04 -1.28
C SER A 132 -13.61 -3.06 -1.30
N PHE A 133 -12.30 -3.33 -1.30
CA PHE A 133 -11.77 -4.45 -0.53
C PHE A 133 -12.12 -4.30 0.95
N MET A 134 -11.85 -3.13 1.53
CA MET A 134 -12.09 -2.94 2.96
C MET A 134 -13.58 -2.93 3.28
N ASP A 135 -14.38 -2.24 2.46
CA ASP A 135 -15.80 -2.15 2.74
C ASP A 135 -16.45 -3.52 2.83
N TYR A 136 -15.93 -4.49 2.08
CA TYR A 136 -16.48 -5.83 2.11
C TYR A 136 -15.85 -6.68 3.21
N TYR A 137 -14.52 -6.78 3.21
CA TYR A 137 -13.89 -7.80 4.05
C TYR A 137 -13.79 -7.39 5.51
N TYR A 138 -13.50 -6.13 5.80
CA TYR A 138 -13.27 -5.80 7.20
C TYR A 138 -14.50 -6.05 8.05
N PRO A 139 -15.70 -5.63 7.65
CA PRO A 139 -16.88 -5.94 8.48
C PRO A 139 -17.12 -7.43 8.65
N ILE A 140 -16.92 -8.22 7.59
CA ILE A 140 -17.17 -9.65 7.67
C ILE A 140 -16.22 -10.28 8.68
N ILE A 141 -14.97 -9.85 8.70
CA ILE A 141 -13.97 -10.52 9.53
C ILE A 141 -14.04 -10.04 10.97
N PHE A 142 -13.85 -8.75 11.18
CA PHE A 142 -13.61 -8.19 12.50
C PHE A 142 -14.83 -7.54 13.10
N MET A 143 -15.97 -7.59 12.42
CA MET A 143 -17.23 -7.13 12.98
C MET A 143 -18.32 -8.20 12.91
N LYS A 144 -17.98 -9.46 12.59
CA LYS A 144 -18.98 -10.54 12.41
C LYS A 144 -20.20 -10.03 11.65
N ALA A 145 -19.95 -9.44 10.49
CA ALA A 145 -21.01 -8.88 9.68
C ALA A 145 -21.49 -9.91 8.67
N VAL A 146 -22.74 -9.75 8.25
CA VAL A 146 -23.30 -10.58 7.19
C VAL A 146 -22.73 -10.16 5.85
N LYS A 147 -22.37 -11.14 5.03
CA LYS A 147 -21.79 -10.89 3.72
C LYS A 147 -22.78 -10.14 2.85
N ASP A 148 -22.36 -8.98 2.35
CA ASP A 148 -23.19 -8.09 1.54
C ASP A 148 -22.80 -8.30 0.07
N GLN A 149 -23.73 -8.83 -0.73
CA GLN A 149 -23.40 -9.17 -2.11
C GLN A 149 -23.05 -7.93 -2.92
N ALA A 150 -23.72 -6.80 -2.65
CA ALA A 150 -23.45 -5.59 -3.42
C ALA A 150 -22.04 -5.09 -3.15
N LYS A 151 -21.61 -5.11 -1.89
CA LYS A 151 -20.24 -4.71 -1.57
C LYS A 151 -19.23 -5.66 -2.20
N TYR A 152 -19.52 -6.95 -2.19
CA TYR A 152 -18.62 -7.91 -2.85
C TYR A 152 -18.46 -7.55 -4.33
N GLU A 153 -19.57 -7.24 -5.00
CA GLU A 153 -19.51 -6.94 -6.43
C GLU A 153 -18.77 -5.64 -6.71
N ASN A 154 -18.70 -4.72 -5.75
CA ASN A 154 -17.93 -3.49 -5.97
C ASN A 154 -16.46 -3.79 -6.16
N ILE A 155 -15.95 -4.86 -5.54
CA ILE A 155 -14.56 -5.25 -5.78
C ILE A 155 -14.36 -5.59 -7.25
N GLY A 156 -15.25 -6.42 -7.81
CA GLY A 156 -15.12 -6.79 -9.21
C GLY A 156 -15.21 -5.58 -10.13
N THR A 157 -16.07 -4.62 -9.80
CA THR A 157 -16.17 -3.41 -10.61
C THR A 157 -14.83 -2.68 -10.65
N ALA A 158 -14.20 -2.52 -9.48
CA ALA A 158 -12.91 -1.86 -9.43
C ALA A 158 -11.84 -2.66 -10.18
N LEU A 159 -11.86 -3.98 -10.03
CA LEU A 159 -10.89 -4.81 -10.74
C LEU A 159 -11.10 -4.75 -12.25
N SER A 160 -12.35 -4.59 -12.69
CA SER A 160 -12.62 -4.47 -14.11
C SER A 160 -11.97 -3.21 -14.67
N PHE A 161 -12.00 -2.12 -13.90
CA PHE A 161 -11.33 -0.90 -14.36
C PHE A 161 -9.83 -1.09 -14.35
N LEU A 162 -9.27 -1.71 -13.31
CA LEU A 162 -7.84 -1.99 -13.28
C LEU A 162 -7.42 -2.84 -14.48
N ASP A 163 -8.23 -3.84 -14.82
CA ASP A 163 -7.92 -4.69 -15.96
C ASP A 163 -7.90 -3.87 -17.25
N LYS A 164 -8.80 -2.90 -17.37
CA LYS A 164 -8.81 -2.02 -18.53
C LYS A 164 -7.57 -1.14 -18.56
N PHE A 165 -7.17 -0.59 -17.41
CA PHE A 165 -5.97 0.23 -17.36
C PHE A 165 -4.74 -0.56 -17.82
N LEU A 166 -4.70 -1.88 -17.57
CA LEU A 166 -3.56 -2.72 -17.88
C LEU A 166 -3.63 -3.32 -19.28
N GLU A 167 -4.71 -3.09 -20.01
CA GLU A 167 -4.82 -3.65 -21.36
C GLU A 167 -3.71 -3.09 -22.24
N GLY A 168 -2.92 -4.00 -22.82
CA GLY A 168 -1.82 -3.58 -23.66
C GLY A 168 -0.67 -2.92 -22.94
N GLU A 169 -0.61 -3.03 -21.60
CA GLU A 169 0.41 -2.38 -20.80
C GLU A 169 1.07 -3.37 -19.87
N ASN A 170 2.34 -3.10 -19.54
CA ASN A 170 3.09 -3.91 -18.59
C ASN A 170 2.96 -3.44 -17.16
N TYR A 171 2.65 -2.16 -16.94
CA TYR A 171 2.54 -1.58 -15.62
C TYR A 171 1.29 -0.74 -15.56
N VAL A 172 0.89 -0.35 -14.35
CA VAL A 172 -0.43 0.24 -14.17
C VAL A 172 -0.45 1.71 -14.55
N ALA A 173 0.71 2.37 -14.57
CA ALA A 173 0.75 3.81 -14.81
C ALA A 173 2.00 4.19 -15.59
N GLY A 174 2.16 3.59 -16.75
CA GLY A 174 3.20 3.98 -17.68
C GLY A 174 4.04 2.78 -18.10
N LYS A 175 5.18 3.07 -18.70
CA LYS A 175 6.01 2.03 -19.29
C LYS A 175 7.00 1.41 -18.30
N ASN A 176 7.13 1.95 -17.09
CA ASN A 176 7.99 1.40 -16.07
C ASN A 176 7.20 1.20 -14.78
N MET A 177 7.77 0.43 -13.88
CA MET A 177 7.22 0.28 -12.54
C MET A 177 7.21 1.62 -11.85
N THR A 178 6.07 1.97 -11.24
CA THR A 178 5.98 3.21 -10.49
C THR A 178 5.38 2.95 -9.11
N LEU A 179 5.28 4.01 -8.33
CA LEU A 179 4.61 3.89 -7.04
C LEU A 179 3.21 3.29 -7.17
N ALA A 180 2.53 3.55 -8.29
CA ALA A 180 1.17 3.03 -8.44
C ALA A 180 1.16 1.51 -8.47
N ASP A 181 2.19 0.87 -9.05
CA ASP A 181 2.24 -0.59 -9.00
C ASP A 181 2.41 -1.10 -7.57
N LEU A 182 3.26 -0.43 -6.79
CA LEU A 182 3.48 -0.84 -5.40
C LEU A 182 2.22 -0.65 -4.56
N SER A 183 1.53 0.46 -4.77
CA SER A 183 0.25 0.69 -4.12
C SER A 183 -0.73 -0.43 -4.44
N ILE A 184 -0.95 -0.66 -5.74
CA ILE A 184 -2.02 -1.57 -6.14
C ILE A 184 -1.64 -3.01 -5.82
N VAL A 185 -0.35 -3.37 -5.86
CA VAL A 185 -0.02 -4.76 -5.57
C VAL A 185 -0.29 -5.06 -4.10
N SER A 186 -0.13 -4.06 -3.22
CA SER A 186 -0.44 -4.32 -1.81
C SER A 186 -1.91 -4.68 -1.62
N THR A 187 -2.79 -4.08 -2.42
CA THR A 187 -4.22 -4.40 -2.38
C THR A 187 -4.49 -5.75 -3.05
N VAL A 188 -3.94 -5.96 -4.25
CA VAL A 188 -4.28 -7.15 -5.02
C VAL A 188 -3.76 -8.40 -4.32
N SER A 189 -2.56 -8.32 -3.73
CA SER A 189 -2.02 -9.48 -3.04
C SER A 189 -2.83 -9.82 -1.79
N THR A 190 -3.48 -8.82 -1.17
CA THR A 190 -4.35 -9.11 -0.04
C THR A 190 -5.63 -9.81 -0.49
N LEU A 191 -6.18 -9.37 -1.63
CA LEU A 191 -7.32 -10.07 -2.20
C LEU A 191 -6.98 -11.54 -2.46
N GLU A 192 -5.82 -11.80 -3.06
CA GLU A 192 -5.39 -13.17 -3.29
C GLU A 192 -5.28 -13.94 -1.98
N ALA A 193 -4.73 -13.31 -0.95
CA ALA A 193 -4.54 -13.99 0.33
C ALA A 193 -5.86 -14.40 0.95
N LEU A 194 -6.94 -13.68 0.65
CA LEU A 194 -8.27 -14.00 1.13
C LEU A 194 -9.06 -14.87 0.17
N ASP A 195 -8.40 -15.48 -0.82
CA ASP A 195 -9.02 -16.41 -1.74
C ASP A 195 -10.06 -15.75 -2.66
N TYR A 196 -9.88 -14.46 -2.94
CA TYR A 196 -10.68 -13.82 -3.98
C TYR A 196 -10.22 -14.30 -5.34
N ASP A 197 -11.17 -14.69 -6.18
CA ASP A 197 -10.86 -15.27 -7.49
C ASP A 197 -10.55 -14.15 -8.47
N LEU A 198 -9.27 -13.97 -8.78
CA LEU A 198 -8.81 -12.96 -9.72
C LEU A 198 -8.75 -13.48 -11.16
N SER A 199 -9.13 -14.73 -11.40
CA SER A 199 -8.79 -15.39 -12.65
C SER A 199 -9.46 -14.75 -13.86
N LYS A 200 -10.63 -14.14 -13.69
CA LYS A 200 -11.31 -13.56 -14.84
C LYS A 200 -10.66 -12.28 -15.34
N TYR A 201 -9.84 -11.64 -14.51
CA TYR A 201 -9.17 -10.39 -14.87
C TYR A 201 -7.78 -10.74 -15.38
N LYS A 202 -7.71 -11.05 -16.69
CA LYS A 202 -6.50 -11.65 -17.22
C LYS A 202 -5.35 -10.64 -17.32
N ASN A 203 -5.64 -9.36 -17.52
CA ASN A 203 -4.57 -8.37 -17.49
C ASN A 203 -4.04 -8.18 -16.08
N VAL A 204 -4.93 -8.23 -15.09
CA VAL A 204 -4.50 -8.11 -13.69
C VAL A 204 -3.61 -9.29 -13.32
N THR A 205 -4.02 -10.51 -13.69
CA THR A 205 -3.24 -11.69 -13.29
C THR A 205 -1.91 -11.75 -14.03
N ARG A 206 -1.90 -11.32 -15.30
CA ARG A 206 -0.63 -11.22 -16.01
C ARG A 206 0.31 -10.24 -15.31
N TRP A 207 -0.20 -9.04 -15.02
CA TRP A 207 0.61 -8.03 -14.33
C TRP A 207 1.07 -8.52 -12.96
N PHE A 208 0.17 -9.15 -12.20
CA PHE A 208 0.51 -9.61 -10.86
C PHE A 208 1.64 -10.64 -10.90
N ALA A 209 1.54 -11.65 -11.77
CA ALA A 209 2.62 -12.62 -11.88
C ALA A 209 3.92 -11.96 -12.35
N LYS A 210 3.79 -10.97 -13.22
CA LYS A 210 4.93 -10.27 -13.79
C LYS A 210 5.66 -9.40 -12.78
N ILE A 211 4.93 -8.70 -11.93
CA ILE A 211 5.53 -7.63 -11.13
C ILE A 211 6.21 -8.17 -9.89
N LYS A 212 5.71 -9.26 -9.32
CA LYS A 212 6.25 -9.72 -8.05
C LYS A 212 7.75 -9.96 -8.09
N PRO A 213 8.32 -10.61 -9.12
CA PRO A 213 9.78 -10.80 -9.15
C PRO A 213 10.56 -9.51 -9.33
N GLU A 214 9.92 -8.43 -9.76
CA GLU A 214 10.61 -7.16 -9.98
C GLU A 214 10.62 -6.26 -8.76
N ILE A 215 9.83 -6.55 -7.74
CA ILE A 215 9.66 -5.66 -6.60
C ILE A 215 10.70 -6.00 -5.55
N PRO A 216 11.62 -5.10 -5.21
CA PRO A 216 12.60 -5.40 -4.16
C PRO A 216 11.91 -5.75 -2.85
N LYS A 217 12.41 -6.80 -2.20
CA LYS A 217 11.96 -7.23 -0.88
C LYS A 217 10.47 -7.59 -0.87
N TYR A 218 9.94 -8.00 -2.02
CA TYR A 218 8.53 -8.37 -2.04
C TYR A 218 8.23 -9.49 -1.05
N GLU A 219 9.09 -10.52 -1.00
CA GLU A 219 8.84 -11.63 -0.09
C GLU A 219 8.91 -11.16 1.36
N GLU A 220 9.95 -10.40 1.71
CA GLU A 220 10.15 -10.01 3.10
C GLU A 220 9.11 -8.98 3.55
N TYR A 221 8.86 -7.96 2.73
CA TYR A 221 8.04 -6.85 3.16
C TYR A 221 6.55 -7.03 2.86
N ASN A 222 6.19 -7.84 1.88
CA ASN A 222 4.78 -8.05 1.57
C ASN A 222 4.28 -9.42 2.01
N ASN A 223 4.89 -10.51 1.52
CA ASN A 223 4.32 -11.83 1.80
C ASN A 223 4.42 -12.19 3.28
N ALA A 224 5.57 -11.91 3.92
CA ALA A 224 5.70 -12.21 5.33
C ALA A 224 4.63 -11.51 6.16
N GLY A 225 4.29 -10.27 5.78
CA GLY A 225 3.20 -9.59 6.46
C GLY A 225 1.85 -10.19 6.13
N LEU A 226 1.64 -10.55 4.86
CA LEU A 226 0.38 -11.21 4.48
C LEU A 226 0.18 -12.50 5.25
N LYS A 227 1.27 -13.17 5.62
CA LYS A 227 1.13 -14.32 6.49
C LYS A 227 0.57 -13.92 7.84
N MET A 228 1.04 -12.80 8.40
CA MET A 228 0.50 -12.32 9.66
C MET A 228 -0.98 -11.96 9.50
N PHE A 229 -1.35 -11.51 8.30
CA PHE A 229 -2.72 -11.13 8.01
C PHE A 229 -3.63 -12.35 8.02
N LYS A 230 -3.30 -13.38 7.23
CA LYS A 230 -4.10 -14.60 7.23
C LYS A 230 -4.10 -15.25 8.61
N GLU A 231 -3.02 -15.08 9.36
CA GLU A 231 -3.00 -15.48 10.77
C GLU A 231 -4.17 -14.92 11.54
N LEU A 232 -4.32 -13.59 11.52
CA LEU A 232 -5.27 -12.94 12.42
C LEU A 232 -6.71 -13.08 11.92
N VAL A 233 -6.92 -13.32 10.63
CA VAL A 233 -8.26 -13.56 10.09
C VAL A 233 -8.69 -14.99 10.42
N1 GSH B . -6.13 6.34 4.27
CA1 GSH B . -5.21 5.85 5.29
C1 GSH B . -3.88 5.47 4.65
O11 GSH B . -3.86 5.14 3.44
O12 GSH B . -2.83 5.51 5.33
CB1 GSH B . -5.83 4.64 5.94
CG1 GSH B . -5.00 4.26 7.16
CD1 GSH B . -5.76 3.27 8.00
OE1 GSH B . -6.91 3.03 7.82
N2 GSH B . -5.00 2.61 9.03
CA2 GSH B . -5.62 1.65 9.89
C2 GSH B . -5.55 2.18 11.31
O2 GSH B . -4.55 2.69 11.74
CB2 GSH B . -4.83 0.34 9.87
SG2 GSH B . -4.96 -0.49 8.26
N3 GSH B . -6.73 2.06 12.16
CA3 GSH B . -6.69 2.53 13.54
C3 GSH B . -7.49 3.81 13.73
O31 GSH B . -7.90 4.48 12.75
O32 GSH B . -7.72 4.22 14.90
HN11 GSH B . -6.68 7.09 4.64
HN12 GSH B . -5.62 6.67 3.48
HA1 GSH B . -5.03 6.63 6.03
HB12 GSH B . -5.85 3.81 5.24
HB13 GSH B . -6.85 4.86 6.25
HG12 GSH B . -4.79 5.15 7.74
HG13 GSH B . -4.06 3.83 6.82
HN2 GSH B . -4.02 2.82 9.14
HA2 GSH B . -6.64 1.47 9.56
HB22 GSH B . -5.22 -0.32 10.64
HB23 GSH B . -3.79 0.56 10.07
HSG GSH B . -5.36 -1.71 8.58
HN3 GSH B . -7.57 1.63 11.80
HA31 GSH B . -7.09 1.77 14.18
HA32 GSH B . -5.65 2.73 13.80
#